data_1YW8
#
_entry.id   1YW8
#
_cell.length_a   89.527
_cell.length_b   99.225
_cell.length_c   101.191
_cell.angle_alpha   90.00
_cell.angle_beta   90.00
_cell.angle_gamma   90.00
#
_symmetry.space_group_name_H-M   'C 2 2 21'
#
loop_
_entity.id
_entity.type
_entity.pdbx_description
1 polymer 'Methionine aminopeptidase 2'
2 non-polymer 'MANGANESE (II) ION'
3 non-polymer '2-[(PHENYLSULFONYL)AMINO]-5,6,7,8-TETRAHYDRONAPHTHALENE-1-CARBOXYLIC ACID'
4 water water
#
_entity_poly.entity_id   1
_entity_poly.type   'polypeptide(L)'
_entity_poly.pdbx_seq_one_letter_code
;KVQTDPPSVPICDLYPNGVFPKGQECEYPPTQDGRTAAWRTTSEEKKALDQASEEIWNDFREAAEAHRQVRKYVMSWIKP
GMTMIEICEKLEDCSRKLIKENGLNAGLAFPTGCSLNNCAAHYTPNAGDTTVLQYDDICKIDFGTHISGRIIDCAFTVTF
NPKYDTLLKAVKDATNTGIKCAGIDVRLCDVGEAIQEVMESYEVEIDGKTYQVKPIRNLNGHSIGQYRIHAGKTVPIIKG
GEATRMEEGEVYAIETFGSTGKGVVHDDMECSHYMKNFDVGHVPIRLPRTKHLLNVINENFGTLAFCRRWLDRLGESKYL
MALKNLCDLGIVDPYPPLCDIKGSYTAQFEHTILLRPTCKEVVSRGDDY
;
_entity_poly.pdbx_strand_id   A
#
# COMPACT_ATOMS: atom_id res chain seq x y z
N LYS A 1 -9.38 -26.51 4.84
CA LYS A 1 -8.77 -26.89 3.52
C LYS A 1 -9.34 -26.08 2.36
N VAL A 2 -10.58 -25.62 2.50
CA VAL A 2 -11.22 -24.83 1.45
C VAL A 2 -11.80 -23.53 2.02
N GLN A 3 -11.68 -22.45 1.25
CA GLN A 3 -12.20 -21.17 1.72
C GLN A 3 -13.71 -21.07 1.56
N THR A 4 -14.37 -20.52 2.57
CA THR A 4 -15.82 -20.36 2.53
C THR A 4 -16.19 -19.08 1.79
N ASP A 5 -17.29 -19.16 1.02
CA ASP A 5 -17.82 -18.05 0.22
C ASP A 5 -17.43 -16.75 0.93
N PRO A 6 -18.14 -16.36 1.99
CA PRO A 6 -17.65 -15.12 2.60
C PRO A 6 -16.39 -15.56 3.37
N PRO A 7 -15.20 -15.22 2.84
CA PRO A 7 -13.94 -15.59 3.49
C PRO A 7 -13.96 -15.61 5.01
N SER A 8 -13.41 -16.68 5.61
CA SER A 8 -13.38 -16.79 7.06
C SER A 8 -12.27 -17.71 7.57
N VAL A 9 -11.63 -18.44 6.68
CA VAL A 9 -10.56 -19.36 7.09
C VAL A 9 -9.20 -18.74 6.92
N PRO A 10 -8.43 -18.61 8.01
CA PRO A 10 -7.09 -18.01 7.90
C PRO A 10 -6.33 -18.62 6.73
N ILE A 11 -5.46 -17.83 6.11
CA ILE A 11 -4.68 -18.32 4.99
C ILE A 11 -3.80 -19.47 5.51
N CYS A 12 -3.44 -19.39 6.79
CA CYS A 12 -2.59 -20.39 7.43
C CYS A 12 -3.29 -21.76 7.44
N ASP A 13 -4.58 -21.76 7.75
CA ASP A 13 -5.35 -23.00 7.80
C ASP A 13 -5.66 -23.59 6.42
N LEU A 14 -5.42 -22.82 5.36
CA LEU A 14 -5.70 -23.32 4.01
C LEU A 14 -4.52 -24.04 3.38
N TYR A 15 -3.33 -23.83 3.95
CA TYR A 15 -2.12 -24.47 3.45
C TYR A 15 -1.42 -25.18 4.60
N PRO A 16 -1.84 -26.42 4.91
CA PRO A 16 -1.27 -27.23 6.00
C PRO A 16 0.23 -27.49 5.87
N ASN A 17 0.76 -27.37 4.65
CA ASN A 17 2.16 -27.61 4.42
C ASN A 17 3.02 -26.50 4.99
N GLY A 18 2.42 -25.32 5.18
CA GLY A 18 3.16 -24.20 5.73
C GLY A 18 3.83 -23.33 4.68
N VAL A 19 3.84 -23.81 3.43
CA VAL A 19 4.45 -23.10 2.31
C VAL A 19 3.37 -22.35 1.51
N PHE A 20 3.59 -21.07 1.28
CA PHE A 20 2.61 -20.30 0.54
C PHE A 20 3.00 -20.05 -0.92
N PRO A 21 2.00 -19.85 -1.78
CA PRO A 21 2.17 -19.61 -3.21
C PRO A 21 2.96 -18.35 -3.56
N LYS A 22 3.91 -18.51 -4.48
CA LYS A 22 4.73 -17.39 -4.92
C LYS A 22 3.89 -16.45 -5.77
N GLY A 23 4.43 -15.26 -6.01
CA GLY A 23 3.70 -14.31 -6.83
C GLY A 23 4.18 -14.45 -8.25
N GLN A 24 3.95 -13.44 -9.07
CA GLN A 24 4.40 -13.51 -10.45
C GLN A 24 5.92 -13.34 -10.44
N GLU A 25 6.61 -14.33 -10.97
CA GLU A 25 8.08 -14.31 -11.03
C GLU A 25 8.58 -13.87 -12.40
N CYS A 26 9.19 -12.69 -12.46
CA CYS A 26 9.73 -12.16 -13.71
C CYS A 26 11.25 -12.26 -13.68
N GLU A 27 11.86 -12.07 -14.85
CA GLU A 27 13.32 -12.11 -14.97
C GLU A 27 13.81 -10.68 -15.04
N TYR A 28 14.69 -10.31 -14.13
CA TYR A 28 15.23 -8.96 -14.09
C TYR A 28 15.57 -8.41 -15.47
N PRO A 29 14.99 -7.24 -15.82
CA PRO A 29 15.23 -6.61 -17.12
C PRO A 29 16.70 -6.27 -17.32
N PRO A 30 17.21 -6.46 -18.56
CA PRO A 30 18.60 -6.18 -18.93
C PRO A 30 19.00 -4.72 -18.76
N THR A 31 20.08 -4.33 -19.43
CA THR A 31 20.57 -2.95 -19.38
C THR A 31 21.04 -2.49 -20.76
N GLN A 32 22.01 -1.59 -20.80
CA GLN A 32 22.55 -1.08 -22.05
C GLN A 32 23.19 -2.18 -22.90
N ASP A 33 24.00 -3.02 -22.26
CA ASP A 33 24.67 -4.12 -22.95
C ASP A 33 23.73 -5.33 -23.04
N GLY A 34 22.42 -5.08 -23.01
CA GLY A 34 21.46 -6.17 -23.07
C GLY A 34 21.70 -7.18 -21.97
N ARG A 35 22.53 -6.78 -21.00
CA ARG A 35 22.92 -7.59 -19.84
C ARG A 35 21.76 -8.41 -19.25
N THR A 36 21.48 -9.58 -19.84
CA THR A 36 20.39 -10.42 -19.35
C THR A 36 20.69 -10.98 -17.97
N ALA A 37 19.66 -11.46 -17.29
CA ALA A 37 19.81 -12.03 -15.97
C ALA A 37 19.40 -13.49 -16.01
N ALA A 38 19.53 -14.11 -17.17
CA ALA A 38 19.18 -15.51 -17.33
C ALA A 38 20.15 -16.35 -16.50
N TRP A 39 21.14 -15.68 -15.92
CA TRP A 39 22.15 -16.34 -15.11
C TRP A 39 21.75 -16.38 -13.63
N ARG A 40 21.06 -15.34 -13.17
CA ARG A 40 20.61 -15.26 -11.78
C ARG A 40 19.51 -16.30 -11.59
N THR A 41 18.81 -16.61 -12.67
CA THR A 41 17.74 -17.59 -12.64
C THR A 41 18.18 -18.87 -11.94
N THR A 42 19.35 -19.39 -12.31
CA THR A 42 19.85 -20.61 -11.66
C THR A 42 21.31 -20.59 -11.25
N SER A 43 21.90 -19.41 -11.13
CA SER A 43 23.29 -19.32 -10.70
C SER A 43 23.36 -20.15 -9.43
N GLU A 44 24.53 -20.68 -9.10
CA GLU A 44 24.64 -21.50 -7.90
C GLU A 44 24.57 -20.66 -6.62
N GLU A 45 25.24 -19.51 -6.61
CA GLU A 45 25.27 -18.65 -5.44
C GLU A 45 23.95 -17.87 -5.22
N LYS A 46 23.38 -17.32 -6.29
CA LYS A 46 22.13 -16.56 -6.18
C LYS A 46 20.99 -17.45 -5.72
N LYS A 47 21.08 -18.74 -6.02
CA LYS A 47 20.02 -19.68 -5.62
C LYS A 47 20.11 -19.99 -4.14
N ALA A 48 21.33 -20.05 -3.61
CA ALA A 48 21.53 -20.34 -2.19
C ALA A 48 21.07 -19.13 -1.37
N LEU A 49 21.39 -17.93 -1.86
CA LEU A 49 21.00 -16.70 -1.18
C LEU A 49 19.49 -16.66 -1.02
N ASP A 50 18.77 -16.85 -2.12
CA ASP A 50 17.32 -16.84 -2.11
C ASP A 50 16.82 -17.87 -1.10
N GLN A 51 17.36 -19.08 -1.17
CA GLN A 51 16.94 -20.13 -0.25
C GLN A 51 17.23 -19.76 1.19
N ALA A 52 18.24 -18.91 1.40
CA ALA A 52 18.58 -18.46 2.74
C ALA A 52 17.48 -17.60 3.35
N SER A 53 16.93 -16.70 2.54
CA SER A 53 15.88 -15.81 3.00
C SER A 53 14.48 -16.36 2.73
N GLU A 54 14.42 -17.66 2.45
CA GLU A 54 13.17 -18.34 2.11
C GLU A 54 11.99 -18.13 3.05
N GLU A 55 12.25 -18.12 4.35
CA GLU A 55 11.18 -17.94 5.31
C GLU A 55 10.63 -16.51 5.30
N ILE A 56 11.44 -15.56 4.84
CA ILE A 56 10.99 -14.19 4.78
C ILE A 56 9.98 -14.06 3.64
N TRP A 57 10.42 -14.53 2.47
CA TRP A 57 9.61 -14.51 1.27
C TRP A 57 8.30 -15.25 1.50
N ASN A 58 8.36 -16.31 2.27
CA ASN A 58 7.17 -17.10 2.56
C ASN A 58 6.21 -16.27 3.38
N ASP A 59 6.74 -15.47 4.30
CA ASP A 59 5.89 -14.61 5.13
C ASP A 59 5.20 -13.60 4.22
N PHE A 60 5.97 -12.95 3.35
CA PHE A 60 5.40 -11.97 2.45
C PHE A 60 4.29 -12.64 1.65
N ARG A 61 4.48 -13.90 1.31
CA ARG A 61 3.51 -14.64 0.51
C ARG A 61 2.24 -14.94 1.27
N GLU A 62 2.38 -15.28 2.55
CA GLU A 62 1.20 -15.58 3.35
C GLU A 62 0.38 -14.30 3.46
N ALA A 63 1.07 -13.16 3.50
CA ALA A 63 0.40 -11.89 3.61
C ALA A 63 -0.23 -11.44 2.30
N ALA A 64 0.36 -11.87 1.19
CA ALA A 64 -0.14 -11.49 -0.13
C ALA A 64 -1.37 -12.29 -0.51
N GLU A 65 -1.46 -13.52 0.00
CA GLU A 65 -2.61 -14.34 -0.31
C GLU A 65 -3.79 -13.82 0.51
N ALA A 66 -3.51 -13.22 1.66
CA ALA A 66 -4.56 -12.67 2.48
C ALA A 66 -5.12 -11.48 1.69
N HIS A 67 -4.21 -10.63 1.23
CA HIS A 67 -4.58 -9.46 0.46
C HIS A 67 -5.38 -9.84 -0.80
N ARG A 68 -4.93 -10.85 -1.54
CA ARG A 68 -5.63 -11.28 -2.76
C ARG A 68 -7.06 -11.77 -2.49
N GLN A 69 -7.25 -12.54 -1.43
CA GLN A 69 -8.56 -13.07 -1.12
C GLN A 69 -9.49 -12.04 -0.47
N VAL A 70 -8.91 -11.01 0.11
CA VAL A 70 -9.73 -9.97 0.74
C VAL A 70 -10.21 -8.95 -0.28
N ARG A 71 -9.34 -8.55 -1.19
CA ARG A 71 -9.71 -7.57 -2.19
C ARG A 71 -10.70 -8.20 -3.18
N LYS A 72 -10.58 -9.52 -3.35
CA LYS A 72 -11.49 -10.22 -4.25
C LYS A 72 -12.91 -10.16 -3.66
N TYR A 73 -13.01 -10.30 -2.35
CA TYR A 73 -14.28 -10.27 -1.63
C TYR A 73 -14.84 -8.84 -1.62
N VAL A 74 -13.96 -7.85 -1.46
CA VAL A 74 -14.39 -6.46 -1.43
C VAL A 74 -14.97 -6.03 -2.77
N MET A 75 -14.39 -6.52 -3.86
CA MET A 75 -14.86 -6.16 -5.19
C MET A 75 -16.23 -6.76 -5.52
N SER A 76 -16.75 -7.63 -4.68
CA SER A 76 -18.04 -8.23 -4.98
C SER A 76 -19.18 -7.50 -4.30
N TRP A 77 -18.87 -6.77 -3.24
CA TRP A 77 -19.91 -6.05 -2.51
C TRP A 77 -19.80 -4.54 -2.37
N ILE A 78 -18.63 -3.96 -2.65
CA ILE A 78 -18.49 -2.51 -2.52
C ILE A 78 -19.39 -1.84 -3.54
N LYS A 79 -20.37 -1.10 -3.04
CA LYS A 79 -21.36 -0.43 -3.88
C LYS A 79 -21.72 0.94 -3.35
N PRO A 80 -22.00 1.90 -4.25
CA PRO A 80 -22.37 3.24 -3.79
C PRO A 80 -23.63 3.13 -2.94
N GLY A 81 -23.67 3.85 -1.84
CA GLY A 81 -24.81 3.77 -0.95
C GLY A 81 -24.32 3.37 0.43
N MET A 82 -23.24 2.59 0.48
CA MET A 82 -22.64 2.16 1.75
C MET A 82 -21.81 3.32 2.29
N THR A 83 -21.68 3.43 3.60
CA THR A 83 -20.88 4.51 4.16
C THR A 83 -19.42 4.11 4.06
N MET A 84 -18.53 5.11 4.12
CA MET A 84 -17.11 4.82 4.05
C MET A 84 -16.68 3.98 5.26
N ILE A 85 -17.43 4.10 6.35
CA ILE A 85 -17.13 3.35 7.56
C ILE A 85 -17.56 1.88 7.48
N GLU A 86 -18.77 1.62 6.98
CA GLU A 86 -19.26 0.25 6.86
C GLU A 86 -18.33 -0.52 5.95
N ILE A 87 -17.90 0.15 4.88
CA ILE A 87 -17.01 -0.43 3.90
C ILE A 87 -15.68 -0.85 4.55
N CYS A 88 -15.02 0.09 5.22
CA CYS A 88 -13.74 -0.20 5.86
C CYS A 88 -13.84 -1.26 6.95
N GLU A 89 -14.95 -1.26 7.70
CA GLU A 89 -15.13 -2.23 8.77
C GLU A 89 -15.40 -3.65 8.22
N LYS A 90 -16.08 -3.74 7.09
CA LYS A 90 -16.36 -5.03 6.48
C LYS A 90 -15.05 -5.53 5.86
N LEU A 91 -14.25 -4.63 5.32
CA LEU A 91 -12.98 -5.00 4.73
C LEU A 91 -11.97 -5.45 5.81
N GLU A 92 -11.86 -4.70 6.90
CA GLU A 92 -10.93 -5.04 7.96
C GLU A 92 -11.32 -6.27 8.77
N ASP A 93 -12.62 -6.50 8.96
CA ASP A 93 -13.08 -7.67 9.71
C ASP A 93 -12.61 -8.91 8.98
N CYS A 94 -12.79 -8.92 7.66
CA CYS A 94 -12.36 -10.05 6.84
C CYS A 94 -10.83 -10.19 6.85
N SER A 95 -10.14 -9.07 6.68
CA SER A 95 -8.69 -9.02 6.65
C SER A 95 -8.06 -9.50 7.96
N ARG A 96 -8.73 -9.25 9.08
CA ARG A 96 -8.20 -9.68 10.36
C ARG A 96 -8.25 -11.20 10.46
N LYS A 97 -9.27 -11.81 9.85
CA LYS A 97 -9.44 -13.25 9.90
C LYS A 97 -8.56 -14.06 8.97
N LEU A 98 -8.44 -13.64 7.71
CA LEU A 98 -7.60 -14.39 6.78
C LEU A 98 -6.14 -14.33 7.20
N ILE A 99 -5.69 -13.17 7.68
CA ILE A 99 -4.30 -13.00 8.10
C ILE A 99 -4.09 -13.64 9.47
N LYS A 100 -5.18 -14.08 10.08
CA LYS A 100 -5.14 -14.71 11.40
C LYS A 100 -4.42 -13.78 12.36
N GLU A 101 -4.99 -12.59 12.52
CA GLU A 101 -4.43 -11.57 13.38
C GLU A 101 -3.92 -12.14 14.71
N ASN A 102 -2.75 -11.66 15.12
CA ASN A 102 -2.11 -12.08 16.35
C ASN A 102 -1.08 -11.05 16.82
N GLY A 103 -1.54 -10.04 17.53
CA GLY A 103 -0.64 -9.02 18.01
C GLY A 103 0.25 -8.51 16.92
N LEU A 104 1.54 -8.38 17.22
CA LEU A 104 2.51 -7.89 16.26
C LEU A 104 3.07 -8.97 15.32
N ASN A 105 2.69 -10.22 15.55
CA ASN A 105 3.14 -11.34 14.74
C ASN A 105 2.40 -11.42 13.41
N ALA A 106 1.18 -10.90 13.38
CA ALA A 106 0.35 -10.91 12.19
C ALA A 106 -0.87 -10.01 12.38
N GLY A 107 -1.11 -9.14 11.42
CA GLY A 107 -2.25 -8.24 11.53
C GLY A 107 -2.39 -7.31 10.34
N LEU A 108 -3.05 -6.18 10.56
CA LEU A 108 -3.25 -5.20 9.50
C LEU A 108 -2.07 -4.24 9.52
N ALA A 109 -1.34 -4.16 8.40
CA ALA A 109 -0.15 -3.30 8.30
C ALA A 109 -0.44 -1.81 8.47
N PHE A 110 -1.51 -1.33 7.85
CA PHE A 110 -1.91 0.07 7.97
C PHE A 110 -3.42 0.14 7.78
N PRO A 111 -4.04 1.27 8.14
CA PRO A 111 -5.48 1.47 8.01
C PRO A 111 -5.97 1.31 6.57
N THR A 112 -7.27 1.11 6.39
CA THR A 112 -7.86 0.95 5.07
C THR A 112 -8.08 2.31 4.42
N GLY A 113 -7.28 2.60 3.41
CA GLY A 113 -7.41 3.85 2.70
C GLY A 113 -8.51 3.77 1.65
N CYS A 114 -9.42 4.73 1.67
CA CYS A 114 -10.49 4.75 0.69
C CYS A 114 -10.68 6.18 0.21
N SER A 115 -9.54 6.83 -0.03
CA SER A 115 -9.49 8.20 -0.50
C SER A 115 -10.41 8.37 -1.71
N LEU A 116 -11.27 9.38 -1.63
CA LEU A 116 -12.25 9.67 -2.67
C LEU A 116 -11.87 10.78 -3.65
N ASN A 117 -12.25 10.55 -4.91
CA ASN A 117 -12.04 11.49 -5.99
C ASN A 117 -10.71 12.24 -6.06
N ASN A 118 -10.71 13.53 -5.70
CA ASN A 118 -9.49 14.31 -5.79
C ASN A 118 -8.46 13.95 -4.72
N CYS A 119 -8.90 13.23 -3.69
CA CYS A 119 -7.98 12.79 -2.64
C CYS A 119 -7.43 11.46 -3.11
N ALA A 120 -6.11 11.38 -3.23
CA ALA A 120 -5.44 10.19 -3.73
C ALA A 120 -4.86 9.23 -2.73
N ALA A 121 -4.64 9.68 -1.51
CA ALA A 121 -4.04 8.81 -0.51
C ALA A 121 -4.27 9.22 0.94
N HIS A 122 -4.19 8.22 1.83
CA HIS A 122 -4.32 8.41 3.26
C HIS A 122 -5.61 8.90 3.89
N TYR A 123 -6.74 8.62 3.27
CA TYR A 123 -8.01 8.99 3.89
C TYR A 123 -8.74 7.75 4.33
N THR A 124 -9.17 7.74 5.58
CA THR A 124 -9.93 6.63 6.11
C THR A 124 -10.89 7.30 7.06
N PRO A 125 -12.16 6.87 7.10
CA PRO A 125 -13.13 7.49 8.00
C PRO A 125 -12.85 7.40 9.50
N ASN A 126 -13.24 8.45 10.21
CA ASN A 126 -13.11 8.54 11.67
C ASN A 126 -14.52 8.35 12.19
N ALA A 127 -14.65 8.00 13.46
CA ALA A 127 -15.97 7.81 14.05
C ALA A 127 -16.76 9.08 13.79
N GLY A 128 -17.99 8.93 13.29
CA GLY A 128 -18.81 10.09 13.01
C GLY A 128 -18.88 10.51 11.55
N ASP A 129 -17.97 10.02 10.72
CA ASP A 129 -17.96 10.38 9.31
C ASP A 129 -19.18 9.78 8.61
N THR A 130 -20.01 10.64 8.05
CA THR A 130 -21.24 10.17 7.41
C THR A 130 -21.10 10.01 5.91
N THR A 131 -19.88 10.22 5.40
CA THR A 131 -19.63 10.12 3.98
C THR A 131 -20.15 8.81 3.40
N VAL A 132 -20.91 8.92 2.32
CA VAL A 132 -21.48 7.76 1.65
C VAL A 132 -20.86 7.65 0.27
N LEU A 133 -20.50 6.43 -0.14
CA LEU A 133 -19.90 6.21 -1.46
C LEU A 133 -20.94 6.53 -2.53
N GLN A 134 -20.54 7.32 -3.50
CA GLN A 134 -21.45 7.71 -4.57
C GLN A 134 -21.16 7.02 -5.90
N TYR A 135 -22.19 6.95 -6.75
CA TYR A 135 -22.05 6.31 -8.06
C TYR A 135 -20.93 6.91 -8.91
N ASP A 136 -20.67 8.21 -8.71
CA ASP A 136 -19.65 8.91 -9.48
C ASP A 136 -18.29 9.05 -8.81
N ASP A 137 -18.14 8.53 -7.62
CA ASP A 137 -16.88 8.61 -6.90
C ASP A 137 -15.86 7.64 -7.49
N ILE A 138 -14.58 7.98 -7.34
CA ILE A 138 -13.49 7.11 -7.78
C ILE A 138 -12.68 6.88 -6.51
N CYS A 139 -12.96 5.75 -5.88
CA CYS A 139 -12.36 5.35 -4.62
C CYS A 139 -11.11 4.46 -4.69
N LYS A 140 -10.02 4.90 -4.04
CA LYS A 140 -8.79 4.13 -4.01
C LYS A 140 -8.77 3.27 -2.73
N ILE A 141 -8.81 1.96 -2.89
CA ILE A 141 -8.77 1.05 -1.77
C ILE A 141 -7.34 0.62 -1.53
N ASP A 142 -6.72 1.22 -0.53
CA ASP A 142 -5.33 0.92 -0.23
C ASP A 142 -5.19 0.36 1.18
N PHE A 143 -5.02 -0.95 1.28
CA PHE A 143 -4.87 -1.58 2.60
C PHE A 143 -3.72 -2.58 2.60
N GLY A 144 -3.11 -2.82 3.76
CA GLY A 144 -1.99 -3.74 3.85
C GLY A 144 -2.07 -4.83 4.91
N THR A 145 -1.38 -5.93 4.66
CA THR A 145 -1.36 -7.03 5.60
C THR A 145 0.08 -7.30 5.99
N HIS A 146 0.29 -8.19 6.96
CA HIS A 146 1.64 -8.51 7.36
C HIS A 146 1.75 -9.71 8.28
N ILE A 147 2.82 -10.45 8.09
CA ILE A 147 3.12 -11.60 8.92
C ILE A 147 4.54 -11.32 9.40
N SER A 148 4.72 -11.33 10.71
CA SER A 148 6.01 -11.05 11.31
C SER A 148 6.65 -9.79 10.73
N GLY A 149 5.84 -8.77 10.51
CA GLY A 149 6.38 -7.52 10.00
C GLY A 149 6.67 -7.43 8.52
N ARG A 150 6.46 -8.52 7.79
CA ARG A 150 6.70 -8.51 6.34
C ARG A 150 5.43 -7.92 5.74
N ILE A 151 5.54 -6.67 5.32
CA ILE A 151 4.42 -5.91 4.80
C ILE A 151 4.03 -6.01 3.33
N ILE A 152 2.73 -6.12 3.08
CA ILE A 152 2.21 -6.18 1.74
C ILE A 152 1.43 -4.91 1.51
N ASP A 153 2.03 -3.98 0.77
CA ASP A 153 1.36 -2.71 0.47
C ASP A 153 0.86 -2.87 -0.97
N CYS A 154 -0.45 -3.03 -1.12
CA CYS A 154 -1.07 -3.24 -2.43
C CYS A 154 -2.42 -2.53 -2.54
N ALA A 155 -2.68 -1.87 -3.67
CA ALA A 155 -3.92 -1.11 -3.83
C ALA A 155 -4.49 -0.99 -5.24
N PHE A 156 -5.79 -0.72 -5.30
CA PHE A 156 -6.49 -0.58 -6.58
C PHE A 156 -7.54 0.51 -6.50
N THR A 157 -8.08 0.88 -7.67
CA THR A 157 -9.09 1.92 -7.72
C THR A 157 -10.45 1.35 -8.09
N VAL A 158 -11.48 1.81 -7.39
CA VAL A 158 -12.84 1.34 -7.62
C VAL A 158 -13.72 2.44 -8.19
N THR A 159 -14.48 2.11 -9.22
CA THR A 159 -15.41 3.06 -9.84
C THR A 159 -16.65 2.30 -10.28
N PHE A 160 -17.71 3.04 -10.57
CA PHE A 160 -18.97 2.43 -11.02
C PHE A 160 -19.42 3.05 -12.34
N ASN A 161 -18.89 4.23 -12.64
CA ASN A 161 -19.20 4.93 -13.87
C ASN A 161 -18.00 4.70 -14.79
N PRO A 162 -18.23 4.09 -15.96
CA PRO A 162 -17.23 3.79 -16.97
C PRO A 162 -16.44 4.98 -17.53
N LYS A 163 -16.94 6.19 -17.31
CA LYS A 163 -16.25 7.39 -17.80
C LYS A 163 -14.83 7.53 -17.24
N TYR A 164 -14.48 6.70 -16.26
CA TYR A 164 -13.16 6.72 -15.64
C TYR A 164 -12.32 5.56 -16.14
N ASP A 165 -12.96 4.61 -16.81
CA ASP A 165 -12.27 3.43 -17.32
C ASP A 165 -10.90 3.72 -17.91
N THR A 166 -10.86 4.62 -18.88
CA THR A 166 -9.60 4.91 -19.54
C THR A 166 -8.58 5.61 -18.65
N LEU A 167 -9.02 6.18 -17.53
CA LEU A 167 -8.12 6.84 -16.62
C LEU A 167 -7.43 5.77 -15.78
N LEU A 168 -8.23 4.81 -15.30
CA LEU A 168 -7.71 3.72 -14.49
C LEU A 168 -6.69 2.94 -15.30
N LYS A 169 -6.99 2.80 -16.59
CA LYS A 169 -6.12 2.07 -17.50
C LYS A 169 -4.78 2.77 -17.66
N ALA A 170 -4.81 4.10 -17.77
CA ALA A 170 -3.59 4.86 -17.91
C ALA A 170 -2.67 4.56 -16.72
N VAL A 171 -3.22 4.69 -15.52
CA VAL A 171 -2.48 4.46 -14.28
C VAL A 171 -2.10 2.98 -14.02
N LYS A 172 -2.99 2.05 -14.34
CA LYS A 172 -2.69 0.63 -14.13
C LYS A 172 -1.53 0.23 -15.02
N ASP A 173 -1.52 0.81 -16.21
CA ASP A 173 -0.48 0.56 -17.19
C ASP A 173 0.81 1.22 -16.77
N ALA A 174 0.70 2.38 -16.13
CA ALA A 174 1.88 3.10 -15.65
C ALA A 174 2.48 2.30 -14.51
N THR A 175 1.63 1.77 -13.64
CA THR A 175 2.08 0.99 -12.51
C THR A 175 2.81 -0.26 -13.00
N ASN A 176 2.20 -1.00 -13.91
CA ASN A 176 2.84 -2.21 -14.41
C ASN A 176 4.19 -1.87 -15.05
N THR A 177 4.22 -0.79 -15.83
CA THR A 177 5.46 -0.36 -16.49
C THR A 177 6.54 -0.11 -15.44
N GLY A 178 6.15 0.38 -14.27
CA GLY A 178 7.12 0.61 -13.22
C GLY A 178 7.59 -0.73 -12.66
N ILE A 179 6.65 -1.63 -12.42
CA ILE A 179 6.98 -2.94 -11.90
C ILE A 179 7.93 -3.66 -12.88
N LYS A 180 7.59 -3.62 -14.15
CA LYS A 180 8.37 -4.28 -15.19
C LYS A 180 9.76 -3.69 -15.39
N CYS A 181 9.89 -2.38 -15.23
CA CYS A 181 11.17 -1.69 -15.40
C CYS A 181 12.06 -1.76 -14.17
N ALA A 182 11.49 -2.12 -13.03
CA ALA A 182 12.25 -2.22 -11.78
C ALA A 182 13.12 -3.47 -11.73
N GLY A 183 14.15 -3.44 -10.90
CA GLY A 183 15.04 -4.58 -10.79
C GLY A 183 16.35 -4.21 -10.14
N ILE A 184 17.15 -5.22 -9.82
CA ILE A 184 18.44 -4.97 -9.18
C ILE A 184 19.32 -4.10 -10.07
N ASP A 185 19.96 -3.09 -9.48
CA ASP A 185 20.83 -2.18 -10.22
C ASP A 185 20.13 -1.12 -11.05
N VAL A 186 18.81 -1.16 -11.08
CA VAL A 186 18.05 -0.17 -11.82
C VAL A 186 18.02 1.11 -10.98
N ARG A 187 18.25 2.25 -11.62
CA ARG A 187 18.24 3.54 -10.93
C ARG A 187 16.81 4.01 -10.75
N LEU A 188 16.49 4.46 -9.55
CA LEU A 188 15.14 4.94 -9.26
C LEU A 188 14.66 5.95 -10.32
N CYS A 189 15.45 6.99 -10.56
CA CYS A 189 15.05 8.02 -11.54
C CYS A 189 14.59 7.43 -12.88
N ASP A 190 15.22 6.35 -13.31
CA ASP A 190 14.84 5.73 -14.57
C ASP A 190 13.45 5.12 -14.47
N VAL A 191 13.14 4.54 -13.32
CA VAL A 191 11.84 3.94 -13.14
C VAL A 191 10.81 5.07 -13.20
N GLY A 192 11.13 6.19 -12.58
CA GLY A 192 10.21 7.32 -12.59
C GLY A 192 10.02 7.86 -14.00
N GLU A 193 11.12 8.03 -14.71
CA GLU A 193 11.08 8.52 -16.07
C GLU A 193 10.06 7.73 -16.88
N ALA A 194 10.23 6.41 -16.91
CA ALA A 194 9.35 5.52 -17.66
C ALA A 194 7.90 5.59 -17.22
N ILE A 195 7.65 5.45 -15.92
CA ILE A 195 6.29 5.51 -15.41
C ILE A 195 5.58 6.73 -15.97
N GLN A 196 6.34 7.80 -16.17
CA GLN A 196 5.76 9.02 -16.68
C GLN A 196 5.53 9.00 -18.19
N GLU A 197 6.47 8.42 -18.93
CA GLU A 197 6.34 8.34 -20.38
C GLU A 197 5.02 7.67 -20.72
N VAL A 198 4.80 6.51 -20.12
CA VAL A 198 3.58 5.75 -20.32
C VAL A 198 2.36 6.51 -19.81
N MET A 199 2.43 6.94 -18.57
CA MET A 199 1.33 7.66 -17.95
C MET A 199 0.85 8.80 -18.83
N GLU A 200 1.78 9.62 -19.30
CA GLU A 200 1.43 10.77 -20.13
C GLU A 200 1.15 10.50 -21.60
N SER A 201 1.18 9.22 -22.00
CA SER A 201 0.90 8.85 -23.38
C SER A 201 -0.62 8.63 -23.51
N TYR A 202 -1.31 8.67 -22.37
CA TYR A 202 -2.75 8.51 -22.36
C TYR A 202 -3.40 9.88 -22.25
N GLU A 203 -4.63 9.97 -22.75
CA GLU A 203 -5.39 11.20 -22.65
C GLU A 203 -6.81 10.69 -22.58
N VAL A 204 -7.60 11.26 -21.68
CA VAL A 204 -8.96 10.80 -21.50
C VAL A 204 -10.02 11.90 -21.63
N GLU A 205 -11.26 11.46 -21.72
CA GLU A 205 -12.40 12.36 -21.82
C GLU A 205 -13.36 12.05 -20.66
N ILE A 206 -13.67 13.07 -19.88
CA ILE A 206 -14.57 12.89 -18.73
C ILE A 206 -15.53 14.08 -18.63
N ASP A 207 -16.82 13.79 -18.69
CA ASP A 207 -17.86 14.82 -18.63
C ASP A 207 -17.62 15.95 -19.63
N GLY A 208 -17.39 15.59 -20.89
CA GLY A 208 -17.15 16.60 -21.92
C GLY A 208 -15.72 17.11 -22.01
N LYS A 209 -15.10 17.38 -20.88
CA LYS A 209 -13.73 17.87 -20.87
C LYS A 209 -12.73 16.75 -21.17
N THR A 210 -11.52 17.14 -21.55
CA THR A 210 -10.46 16.21 -21.91
C THR A 210 -9.19 16.55 -21.14
N TYR A 211 -8.44 15.54 -20.70
CA TYR A 211 -7.23 15.81 -19.97
C TYR A 211 -6.14 14.83 -20.33
N GLN A 212 -4.89 15.21 -20.05
CA GLN A 212 -3.78 14.31 -20.29
C GLN A 212 -3.46 13.83 -18.89
N VAL A 213 -3.49 12.52 -18.69
CA VAL A 213 -3.22 11.99 -17.36
C VAL A 213 -1.87 12.46 -16.82
N LYS A 214 -1.87 12.96 -15.59
CA LYS A 214 -0.66 13.45 -14.95
C LYS A 214 -0.28 12.60 -13.74
N PRO A 215 1.02 12.31 -13.60
CA PRO A 215 1.46 11.53 -12.44
C PRO A 215 1.44 12.52 -11.30
N ILE A 216 1.07 12.10 -10.09
CA ILE A 216 1.07 13.06 -9.00
C ILE A 216 2.54 13.20 -8.54
N ARG A 217 3.20 14.19 -9.15
CA ARG A 217 4.61 14.48 -8.94
C ARG A 217 5.15 14.35 -7.52
N ASN A 218 4.40 14.80 -6.50
CA ASN A 218 4.90 14.69 -5.13
C ASN A 218 4.46 13.42 -4.39
N LEU A 219 3.93 12.45 -5.13
CA LEU A 219 3.54 11.15 -4.56
C LEU A 219 4.53 10.17 -5.14
N ASN A 220 4.53 8.93 -4.68
CA ASN A 220 5.51 7.98 -5.20
C ASN A 220 5.52 6.60 -4.55
N GLY A 221 6.42 5.75 -5.03
CA GLY A 221 6.56 4.41 -4.48
C GLY A 221 7.59 4.45 -3.37
N HIS A 222 7.89 3.31 -2.77
CA HIS A 222 8.84 3.27 -1.67
C HIS A 222 9.37 1.89 -1.31
N SER A 223 10.56 1.87 -0.71
CA SER A 223 11.15 0.61 -0.29
C SER A 223 10.47 0.28 1.04
N ILE A 224 10.30 -1.02 1.31
CA ILE A 224 9.64 -1.50 2.51
C ILE A 224 10.53 -2.29 3.47
N GLY A 225 10.66 -1.81 4.70
CA GLY A 225 11.48 -2.51 5.68
C GLY A 225 10.61 -3.26 6.69
N GLN A 226 11.23 -4.06 7.56
CA GLN A 226 10.43 -4.79 8.54
C GLN A 226 9.71 -3.81 9.47
N TYR A 227 8.39 -3.97 9.56
CA TYR A 227 7.57 -3.10 10.41
C TYR A 227 7.76 -1.64 10.05
N ARG A 228 8.34 -1.38 8.89
CA ARG A 228 8.58 0.00 8.47
C ARG A 228 8.03 0.25 7.07
N ILE A 229 6.80 0.77 7.01
CA ILE A 229 6.15 1.03 5.73
C ILE A 229 7.03 1.81 4.75
N HIS A 230 7.98 2.57 5.27
CA HIS A 230 8.87 3.34 4.40
C HIS A 230 10.32 3.17 4.88
N ALA A 231 11.00 2.19 4.30
CA ALA A 231 12.37 1.87 4.65
C ALA A 231 13.34 3.03 4.48
N GLY A 232 13.36 3.65 3.31
CA GLY A 232 14.26 4.76 3.10
C GLY A 232 14.34 5.30 1.69
N LYS A 233 14.37 4.42 0.69
CA LYS A 233 14.43 4.86 -0.70
C LYS A 233 13.04 5.19 -1.24
N THR A 234 13.00 5.92 -2.35
CA THR A 234 11.72 6.27 -2.94
C THR A 234 11.73 6.09 -4.45
N VAL A 235 10.57 5.73 -4.99
CA VAL A 235 10.39 5.51 -6.42
C VAL A 235 9.62 6.71 -7.00
N PRO A 236 10.33 7.60 -7.70
CA PRO A 236 9.93 8.84 -8.38
C PRO A 236 8.50 9.02 -8.88
N ILE A 237 8.18 8.36 -9.99
CA ILE A 237 6.87 8.44 -10.65
C ILE A 237 6.90 9.50 -11.76
N ILE A 238 7.94 10.33 -11.76
CA ILE A 238 8.13 11.37 -12.79
C ILE A 238 9.62 11.55 -13.06
N LYS A 239 9.97 12.55 -13.85
CA LYS A 239 11.36 12.84 -14.19
C LYS A 239 12.32 13.06 -13.01
N GLY A 240 11.84 12.84 -11.78
CA GLY A 240 12.70 13.01 -10.62
C GLY A 240 13.84 12.01 -10.63
N GLY A 241 14.97 12.36 -10.01
CA GLY A 241 16.13 11.48 -10.02
C GLY A 241 16.55 10.78 -8.74
N GLU A 242 16.16 11.36 -7.61
CA GLU A 242 16.48 10.82 -6.27
C GLU A 242 17.97 10.91 -5.96
N ALA A 243 18.71 9.87 -6.32
CA ALA A 243 20.16 9.75 -6.11
C ALA A 243 20.53 8.34 -5.66
N THR A 244 19.77 7.35 -6.12
CA THR A 244 20.04 5.98 -5.72
C THR A 244 19.73 4.92 -6.78
N ARG A 245 19.94 3.67 -6.38
CA ARG A 245 19.74 2.53 -7.24
C ARG A 245 19.17 1.35 -6.41
N MET A 246 18.21 0.63 -6.99
CA MET A 246 17.60 -0.50 -6.30
C MET A 246 18.64 -1.58 -6.05
N GLU A 247 18.57 -2.22 -4.89
CA GLU A 247 19.54 -3.25 -4.55
C GLU A 247 18.93 -4.62 -4.35
N GLU A 248 19.80 -5.62 -4.42
CA GLU A 248 19.41 -7.02 -4.26
C GLU A 248 18.84 -7.26 -2.87
N GLY A 249 17.76 -8.02 -2.80
CA GLY A 249 17.14 -8.34 -1.53
C GLY A 249 16.21 -7.28 -0.96
N GLU A 250 15.99 -6.20 -1.71
CA GLU A 250 15.11 -5.16 -1.23
C GLU A 250 13.65 -5.44 -1.58
N VAL A 251 12.74 -4.83 -0.83
CA VAL A 251 11.32 -5.01 -1.07
C VAL A 251 10.77 -3.63 -1.40
N TYR A 252 10.09 -3.52 -2.52
CA TYR A 252 9.54 -2.24 -2.93
C TYR A 252 8.05 -2.23 -3.19
N ALA A 253 7.47 -1.10 -2.85
CA ALA A 253 6.06 -0.89 -3.07
C ALA A 253 6.05 -0.03 -4.34
N ILE A 254 5.59 -0.60 -5.44
CA ILE A 254 5.53 0.14 -6.68
C ILE A 254 4.11 0.65 -6.82
N GLU A 255 3.95 1.98 -6.82
CA GLU A 255 2.63 2.57 -6.95
C GLU A 255 2.69 3.88 -7.71
N THR A 256 1.71 4.12 -8.56
CA THR A 256 1.64 5.35 -9.31
C THR A 256 0.26 5.95 -9.12
N PHE A 257 0.16 7.26 -9.25
CA PHE A 257 -1.09 7.98 -9.07
C PHE A 257 -1.30 8.89 -10.26
N GLY A 258 -2.50 8.84 -10.84
CA GLY A 258 -2.81 9.68 -12.00
C GLY A 258 -3.85 10.70 -11.58
N SER A 259 -3.83 11.88 -12.20
CA SER A 259 -4.78 12.93 -11.84
C SER A 259 -5.20 13.79 -13.02
N THR A 260 -6.25 14.57 -12.84
CA THR A 260 -6.73 15.46 -13.90
C THR A 260 -6.59 16.89 -13.41
N GLY A 261 -6.16 17.03 -12.15
CA GLY A 261 -5.98 18.34 -11.57
C GLY A 261 -4.61 18.88 -11.92
N LYS A 262 -3.86 19.32 -10.91
CA LYS A 262 -2.52 19.86 -11.14
C LYS A 262 -1.46 18.77 -11.08
N GLY A 263 -1.81 17.62 -10.52
CA GLY A 263 -0.83 16.56 -10.41
C GLY A 263 0.04 16.84 -9.20
N VAL A 264 -0.57 17.41 -8.18
CA VAL A 264 0.11 17.74 -6.94
C VAL A 264 -0.89 17.59 -5.81
N VAL A 265 -0.50 16.89 -4.74
CA VAL A 265 -1.38 16.70 -3.60
C VAL A 265 -0.95 17.56 -2.41
N HIS A 266 -1.89 17.83 -1.52
CA HIS A 266 -1.62 18.64 -0.34
C HIS A 266 -2.44 18.18 0.86
N ASP A 267 -1.93 18.43 2.07
CA ASP A 267 -2.62 18.04 3.29
C ASP A 267 -4.02 18.63 3.26
N ASP A 268 -5.03 17.80 3.45
CA ASP A 268 -6.40 18.30 3.40
C ASP A 268 -7.35 17.47 4.23
N MET A 269 -8.43 18.11 4.69
CA MET A 269 -9.44 17.45 5.51
C MET A 269 -8.88 17.03 6.87
N GLU A 270 -9.68 16.26 7.60
CA GLU A 270 -9.29 15.80 8.93
C GLU A 270 -8.35 14.59 8.95
N CYS A 271 -7.38 14.62 9.87
CA CYS A 271 -6.37 13.58 10.00
C CYS A 271 -6.88 12.29 10.65
N SER A 272 -6.50 11.15 10.07
CA SER A 272 -6.92 9.87 10.61
C SER A 272 -5.75 8.91 10.79
N HIS A 273 -4.76 9.02 9.92
CA HIS A 273 -3.59 8.15 9.97
C HIS A 273 -2.47 8.67 10.87
N TYR A 274 -1.89 7.75 11.64
CA TYR A 274 -0.81 8.09 12.56
C TYR A 274 0.19 6.96 12.60
N MET A 275 1.43 7.27 12.96
CA MET A 275 2.44 6.23 13.02
C MET A 275 3.63 6.62 13.86
N LYS A 276 4.00 5.73 14.78
CA LYS A 276 5.15 5.96 15.65
C LYS A 276 6.41 6.07 14.81
N ASN A 277 7.20 7.10 15.06
CA ASN A 277 8.45 7.32 14.34
C ASN A 277 9.41 6.18 14.65
N PHE A 278 9.86 5.50 13.61
CA PHE A 278 10.78 4.36 13.74
C PHE A 278 12.09 4.74 14.42
N ASP A 279 12.63 5.89 14.05
CA ASP A 279 13.88 6.38 14.58
C ASP A 279 13.82 6.83 16.04
N VAL A 280 12.69 7.40 16.45
CA VAL A 280 12.55 7.88 17.82
C VAL A 280 12.75 6.78 18.85
N GLY A 281 13.42 7.11 19.95
CA GLY A 281 13.67 6.15 21.01
C GLY A 281 12.69 6.22 22.16
N HIS A 282 12.99 5.49 23.23
CA HIS A 282 12.15 5.44 24.43
C HIS A 282 12.14 6.78 25.18
N VAL A 283 11.00 7.46 25.19
CA VAL A 283 10.89 8.72 25.90
C VAL A 283 10.06 8.52 27.16
N PRO A 284 10.57 9.00 28.31
CA PRO A 284 9.84 8.85 29.58
C PRO A 284 8.73 9.90 29.69
N ILE A 285 7.54 9.46 30.10
CA ILE A 285 6.40 10.37 30.22
C ILE A 285 5.61 10.15 31.52
N ARG A 286 5.33 11.24 32.22
CA ARG A 286 4.58 11.19 33.48
C ARG A 286 3.11 11.55 33.26
N LEU A 287 2.83 12.38 32.25
CA LEU A 287 1.46 12.77 31.95
C LEU A 287 0.64 11.51 31.67
N PRO A 288 -0.26 11.16 32.60
CA PRO A 288 -1.16 10.01 32.59
C PRO A 288 -1.69 9.57 31.23
N ARG A 289 -2.69 10.31 30.72
CA ARG A 289 -3.32 9.97 29.45
C ARG A 289 -2.33 9.77 28.31
N THR A 290 -1.34 10.63 28.22
CA THR A 290 -0.34 10.53 27.16
C THR A 290 0.46 9.25 27.32
N LYS A 291 0.91 8.98 28.55
CA LYS A 291 1.68 7.78 28.86
C LYS A 291 0.89 6.53 28.49
N HIS A 292 -0.36 6.47 28.94
CA HIS A 292 -1.20 5.31 28.65
C HIS A 292 -1.48 5.12 27.17
N LEU A 293 -1.64 6.21 26.43
CA LEU A 293 -1.92 6.09 25.00
C LEU A 293 -0.68 5.57 24.31
N LEU A 294 0.48 6.09 24.68
CA LEU A 294 1.73 5.65 24.08
C LEU A 294 1.95 4.15 24.36
N ASN A 295 1.50 3.67 25.51
CA ASN A 295 1.66 2.27 25.84
C ASN A 295 0.78 1.45 24.91
N VAL A 296 -0.44 1.94 24.68
CA VAL A 296 -1.37 1.25 23.80
C VAL A 296 -0.75 1.15 22.43
N ILE A 297 -0.19 2.24 21.94
CA ILE A 297 0.40 2.26 20.62
C ILE A 297 1.58 1.30 20.54
N ASN A 298 2.41 1.25 21.57
CA ASN A 298 3.55 0.34 21.52
C ASN A 298 3.11 -1.11 21.55
N GLU A 299 2.09 -1.39 22.36
CA GLU A 299 1.54 -2.73 22.51
C GLU A 299 0.80 -3.24 21.29
N ASN A 300 -0.06 -2.40 20.74
CA ASN A 300 -0.89 -2.81 19.61
C ASN A 300 -0.37 -2.53 18.20
N PHE A 301 0.44 -1.50 18.03
CA PHE A 301 0.91 -1.15 16.69
C PHE A 301 2.41 -1.08 16.44
N GLY A 302 3.21 -1.02 17.49
CA GLY A 302 4.64 -0.92 17.28
C GLY A 302 4.87 0.30 16.42
N THR A 303 5.59 0.13 15.31
CA THR A 303 5.85 1.23 14.38
C THR A 303 4.97 1.10 13.15
N LEU A 304 3.88 0.35 13.27
CA LEU A 304 2.95 0.16 12.15
C LEU A 304 1.89 1.24 12.26
N ALA A 305 1.43 1.75 11.12
CA ALA A 305 0.42 2.79 11.13
C ALA A 305 -0.94 2.36 11.67
N PHE A 306 -1.68 3.32 12.19
CA PHE A 306 -3.00 3.05 12.74
C PHE A 306 -3.89 4.26 12.50
N CYS A 307 -5.15 4.16 12.91
CA CYS A 307 -6.10 5.25 12.76
C CYS A 307 -6.97 5.40 14.00
N ARG A 308 -7.67 6.52 14.12
CA ARG A 308 -8.52 6.77 15.27
C ARG A 308 -9.51 5.66 15.58
N ARG A 309 -10.08 5.06 14.53
CA ARG A 309 -11.04 3.98 14.71
C ARG A 309 -10.39 2.83 15.46
N TRP A 310 -9.15 2.53 15.09
CA TRP A 310 -8.42 1.45 15.72
C TRP A 310 -8.16 1.71 17.21
N LEU A 311 -8.27 2.97 17.60
CA LEU A 311 -8.11 3.32 19.01
C LEU A 311 -9.48 3.13 19.65
N ASP A 312 -10.50 3.55 18.92
CA ASP A 312 -11.86 3.43 19.40
C ASP A 312 -12.14 1.98 19.78
N ARG A 313 -11.87 1.06 18.86
CA ARG A 313 -12.16 -0.35 19.11
C ARG A 313 -11.40 -0.95 20.27
N LEU A 314 -10.26 -0.36 20.62
CA LEU A 314 -9.48 -0.86 21.74
C LEU A 314 -10.04 -0.31 23.05
N GLY A 315 -11.14 0.43 22.95
CA GLY A 315 -11.74 1.00 24.15
C GLY A 315 -11.22 2.38 24.51
N GLU A 316 -10.22 2.86 23.81
CA GLU A 316 -9.68 4.19 24.09
C GLU A 316 -10.76 5.21 23.86
N SER A 317 -10.76 6.26 24.67
CA SER A 317 -11.76 7.30 24.57
C SER A 317 -11.12 8.66 24.86
N LYS A 318 -11.71 9.73 24.34
CA LYS A 318 -11.18 11.08 24.53
C LYS A 318 -9.67 10.97 24.63
N TYR A 319 -9.00 10.92 23.48
CA TYR A 319 -7.55 10.76 23.46
C TYR A 319 -6.87 11.70 22.48
N LEU A 320 -7.64 12.53 21.79
CA LEU A 320 -7.06 13.44 20.81
C LEU A 320 -6.00 14.35 21.43
N MET A 321 -6.22 14.79 22.67
CA MET A 321 -5.23 15.66 23.29
C MET A 321 -3.93 14.91 23.55
N ALA A 322 -4.03 13.68 24.03
CA ALA A 322 -2.86 12.88 24.28
C ALA A 322 -2.17 12.56 22.96
N LEU A 323 -2.97 12.30 21.93
CA LEU A 323 -2.42 11.99 20.61
C LEU A 323 -1.63 13.19 20.06
N LYS A 324 -2.19 14.39 20.20
CA LYS A 324 -1.53 15.59 19.74
C LYS A 324 -0.21 15.76 20.50
N ASN A 325 -0.17 15.31 21.74
CA ASN A 325 1.04 15.43 22.55
C ASN A 325 2.14 14.56 21.97
N LEU A 326 1.82 13.30 21.75
CA LEU A 326 2.79 12.37 21.18
C LEU A 326 3.25 12.93 19.83
N CYS A 327 2.33 13.56 19.10
CA CYS A 327 2.67 14.16 17.80
C CYS A 327 3.63 15.32 18.02
N ASP A 328 3.27 16.25 18.91
CA ASP A 328 4.14 17.38 19.20
C ASP A 328 5.50 16.88 19.70
N LEU A 329 5.49 15.98 20.68
CA LEU A 329 6.75 15.44 21.21
C LEU A 329 7.59 14.78 20.11
N GLY A 330 7.03 14.64 18.92
CA GLY A 330 7.76 14.03 17.83
C GLY A 330 7.88 12.52 17.93
N ILE A 331 7.09 11.90 18.79
CA ILE A 331 7.10 10.45 18.97
C ILE A 331 6.21 9.82 17.93
N VAL A 332 5.10 10.50 17.63
CA VAL A 332 4.15 10.02 16.64
C VAL A 332 4.02 11.05 15.54
N ASP A 333 3.88 10.57 14.32
CA ASP A 333 3.73 11.44 13.17
C ASP A 333 2.34 11.30 12.58
N PRO A 334 1.70 12.42 12.28
CA PRO A 334 0.36 12.38 11.70
C PRO A 334 0.49 12.25 10.19
N TYR A 335 -0.41 11.50 9.57
CA TYR A 335 -0.41 11.32 8.13
C TYR A 335 -1.76 11.71 7.53
N PRO A 336 -1.96 13.00 7.29
CA PRO A 336 -3.20 13.54 6.74
C PRO A 336 -3.50 13.08 5.33
N PRO A 337 -4.73 13.32 4.86
CA PRO A 337 -5.10 12.90 3.51
C PRO A 337 -4.36 13.81 2.51
N LEU A 338 -3.93 13.22 1.40
CA LEU A 338 -3.23 13.95 0.37
C LEU A 338 -4.17 14.09 -0.83
N CYS A 339 -4.69 15.31 -1.02
CA CYS A 339 -5.63 15.58 -2.10
C CYS A 339 -5.16 16.63 -3.09
N ASP A 340 -5.50 16.41 -4.36
CA ASP A 340 -5.17 17.32 -5.44
C ASP A 340 -6.31 18.32 -5.44
N ILE A 341 -6.20 19.36 -6.26
CA ILE A 341 -7.24 20.40 -6.37
C ILE A 341 -8.67 19.87 -6.42
N LYS A 342 -9.61 20.67 -5.92
CA LYS A 342 -11.02 20.28 -5.91
C LYS A 342 -11.54 20.13 -7.33
N GLY A 343 -12.46 19.19 -7.53
CA GLY A 343 -13.01 18.98 -8.86
C GLY A 343 -12.24 17.97 -9.70
N SER A 344 -10.96 17.78 -9.39
CA SER A 344 -10.13 16.83 -10.15
C SER A 344 -10.38 15.40 -9.72
N TYR A 345 -9.94 14.46 -10.54
CA TYR A 345 -10.10 13.04 -10.24
C TYR A 345 -8.70 12.43 -10.16
N THR A 346 -8.55 11.38 -9.35
CA THR A 346 -7.25 10.72 -9.21
C THR A 346 -7.43 9.21 -9.09
N ALA A 347 -6.43 8.46 -9.54
CA ALA A 347 -6.46 6.98 -9.50
C ALA A 347 -5.10 6.41 -9.10
N GLN A 348 -5.10 5.22 -8.51
CA GLN A 348 -3.87 4.56 -8.05
C GLN A 348 -3.85 3.03 -8.25
N PHE A 349 -2.64 2.49 -8.37
CA PHE A 349 -2.43 1.06 -8.53
C PHE A 349 -1.10 0.75 -7.87
N GLU A 350 -1.11 -0.19 -6.95
CA GLU A 350 0.09 -0.54 -6.20
C GLU A 350 0.32 -2.03 -6.06
N HIS A 351 1.58 -2.40 -5.92
CA HIS A 351 2.00 -3.78 -5.75
C HIS A 351 3.26 -3.80 -4.93
N THR A 352 3.51 -4.93 -4.27
CA THR A 352 4.70 -5.08 -3.48
C THR A 352 5.52 -6.09 -4.23
N ILE A 353 6.80 -5.80 -4.41
CA ILE A 353 7.66 -6.70 -5.13
C ILE A 353 8.92 -7.06 -4.35
N LEU A 354 9.37 -8.30 -4.53
CA LEU A 354 10.56 -8.78 -3.86
C LEU A 354 11.68 -8.87 -4.88
N LEU A 355 12.81 -8.25 -4.54
CA LEU A 355 13.97 -8.28 -5.41
C LEU A 355 14.86 -9.43 -4.90
N ARG A 356 14.44 -10.66 -5.17
CA ARG A 356 15.20 -11.84 -4.75
C ARG A 356 16.38 -12.09 -5.71
N PRO A 357 17.50 -12.63 -5.20
CA PRO A 357 18.71 -12.93 -5.97
C PRO A 357 18.51 -13.61 -7.33
N THR A 358 17.54 -14.52 -7.43
CA THR A 358 17.33 -15.21 -8.69
C THR A 358 16.38 -14.52 -9.66
N CYS A 359 15.27 -14.02 -9.15
CA CYS A 359 14.27 -13.36 -10.00
C CYS A 359 13.48 -12.30 -9.26
N LYS A 360 12.77 -11.47 -10.01
CA LYS A 360 11.94 -10.42 -9.44
C LYS A 360 10.55 -11.00 -9.23
N GLU A 361 10.02 -10.83 -8.03
CA GLU A 361 8.70 -11.38 -7.70
C GLU A 361 7.63 -10.32 -7.38
N VAL A 362 6.54 -10.35 -8.13
CA VAL A 362 5.44 -9.43 -7.87
C VAL A 362 4.54 -10.27 -6.96
N VAL A 363 4.98 -10.40 -5.71
CA VAL A 363 4.30 -11.18 -4.68
C VAL A 363 2.82 -10.90 -4.47
N SER A 364 2.37 -9.67 -4.73
CA SER A 364 0.96 -9.33 -4.52
C SER A 364 0.07 -9.36 -5.77
N ARG A 365 0.60 -9.89 -6.87
CA ARG A 365 -0.16 -9.98 -8.12
C ARG A 365 -1.31 -10.97 -7.98
N GLY A 366 -2.36 -10.77 -8.76
CA GLY A 366 -3.49 -11.69 -8.69
C GLY A 366 -4.29 -11.76 -9.97
N ASP A 367 -5.42 -12.46 -9.93
CA ASP A 367 -6.29 -12.58 -11.09
C ASP A 367 -6.71 -11.18 -11.55
N ASP A 368 -7.05 -10.34 -10.56
CA ASP A 368 -7.53 -9.01 -10.81
C ASP A 368 -6.58 -7.95 -11.37
N TYR A 369 -5.40 -7.79 -10.76
CA TYR A 369 -4.46 -6.79 -11.25
C TYR A 369 -3.06 -7.04 -10.76
#